data_2ZJ3
#
_entry.id   2ZJ3
#
_cell.length_a   78.652
_cell.length_b   78.652
_cell.length_c   274.477
_cell.angle_alpha   90.00
_cell.angle_beta   90.00
_cell.angle_gamma   90.00
#
_symmetry.space_group_name_H-M   'I 41 2 2'
#
loop_
_entity.id
_entity.type
_entity.pdbx_description
1 polymer 'Glucosamine--fructose-6-phosphate aminotransferase [isomerizing] 1'
2 non-polymer 6-O-phosphono-alpha-D-glucopyranose
3 water water
#
_entity_poly.entity_id   1
_entity_poly.type   'polypeptide(L)'
_entity_poly.pdbx_seq_one_letter_code
;MHHHHHHQQIMKGNFSSFMQKEIFEQPESVVNTMRGRVNFDDYTVNLGGLKDHIKEIQRCRRLILIACGTSYHAGVATRQ
VLEELTELPVMVELASDFLDRNTPVFRDDVCFFLSQSGETADTLMGLRYCKERGALTVGITNTVGSSISRETDCGVHINA
GPEIGVASTKAYTSQFVSLVMFALMMCDDRISMQERRKEIMLGLKRLPDLIKEVLSMDDEIQKLATELYHQKSVLIMGRG
YHYATCLEGALKIKEITYMHSEGILAGELKHGPLALVDKLMPVIMIIMRDHTYAKCQNALQQVVARQGRPVVICDKEDTE
TIKNTKRTIKVPHSVDCLQGILSVIPLQLLAFHLAVLRGYDVDFPRNLAKSVTVE
;
_entity_poly.pdbx_strand_id   A
#
# COMPACT_ATOMS: atom_id res chain seq x y z
N MET A 11 3.03 18.89 18.51
CA MET A 11 2.92 17.67 19.36
C MET A 11 2.07 16.60 18.66
N LYS A 12 1.84 15.48 19.36
CA LYS A 12 0.83 14.48 19.00
C LYS A 12 -0.53 14.85 19.63
N GLY A 13 -0.49 15.76 20.63
CA GLY A 13 -1.66 16.48 21.16
C GLY A 13 -3.04 16.02 20.69
N ASN A 14 -3.79 15.42 21.61
CA ASN A 14 -5.06 14.68 21.38
C ASN A 14 -4.87 13.18 21.05
N PHE A 15 -3.63 12.75 20.79
CA PHE A 15 -3.30 11.34 20.60
C PHE A 15 -2.17 10.95 21.53
N SER A 16 -2.18 9.72 22.00
CA SER A 16 -1.10 9.20 22.84
C SER A 16 0.15 8.76 22.05
N SER A 17 0.00 8.61 20.73
CA SER A 17 1.14 8.24 19.91
C SER A 17 1.13 8.98 18.59
N PHE A 18 2.31 9.12 18.02
CA PHE A 18 2.42 9.68 16.69
C PHE A 18 1.77 8.76 15.67
N MET A 19 1.96 7.45 15.80
CA MET A 19 1.40 6.52 14.85
C MET A 19 -0.13 6.61 14.81
N GLN A 20 -0.79 6.68 15.96
CA GLN A 20 -2.27 6.76 15.90
C GLN A 20 -2.69 8.06 15.25
N LYS A 21 -1.97 9.13 15.56
CA LYS A 21 -2.25 10.44 14.97
C LYS A 21 -2.17 10.36 13.44
N GLU A 22 -1.10 9.72 13.00
CA GLU A 22 -0.78 9.59 11.60
C GLU A 22 -1.76 8.70 10.85
N ILE A 23 -2.21 7.62 11.46
CA ILE A 23 -3.32 6.84 10.93
C ILE A 23 -4.60 7.69 10.76
N PHE A 24 -4.95 8.42 11.81
CA PHE A 24 -6.16 9.24 11.80
C PHE A 24 -6.03 10.49 10.93
N GLU A 25 -4.82 10.81 10.50
CA GLU A 25 -4.57 11.95 9.60
C GLU A 25 -4.84 11.64 8.14
N GLN A 26 -5.10 10.36 7.82
CA GLN A 26 -5.21 9.92 6.42
C GLN A 26 -6.29 10.58 5.55
N PRO A 27 -7.44 10.97 6.12
CA PRO A 27 -8.35 11.80 5.32
C PRO A 27 -7.69 13.13 4.83
N GLU A 28 -6.91 13.76 5.69
CA GLU A 28 -6.22 14.99 5.40
C GLU A 28 -4.97 14.76 4.56
N SER A 29 -4.22 13.69 4.81
CA SER A 29 -2.96 13.45 4.07
C SER A 29 -3.26 13.11 2.61
N VAL A 30 -4.35 12.41 2.38
CA VAL A 30 -4.76 12.08 1.01
C VAL A 30 -5.14 13.36 0.26
N VAL A 31 -5.93 14.23 0.91
CA VAL A 31 -6.21 15.55 0.33
C VAL A 31 -4.92 16.33 0.04
N ASN A 32 -4.00 16.35 1.00
CA ASN A 32 -2.74 17.05 0.83
C ASN A 32 -1.94 16.49 -0.34
N THR A 33 -1.95 15.17 -0.50
CA THR A 33 -1.25 14.55 -1.62
C THR A 33 -1.79 15.03 -2.99
N MET A 34 -3.11 15.25 -3.09
CA MET A 34 -3.78 15.58 -4.35
C MET A 34 -3.90 17.07 -4.54
N ARG A 35 -3.54 17.84 -3.52
CA ARG A 35 -3.69 19.30 -3.50
C ARG A 35 -2.88 19.98 -4.59
N GLY A 36 -3.55 20.81 -5.37
CA GLY A 36 -2.90 21.46 -6.53
C GLY A 36 -2.63 20.56 -7.74
N ARG A 37 -3.08 19.32 -7.71
CA ARG A 37 -2.68 18.33 -8.71
C ARG A 37 -3.86 17.74 -9.43
N VAL A 38 -4.93 17.46 -8.71
CA VAL A 38 -6.13 16.91 -9.28
C VAL A 38 -7.17 18.01 -9.34
N ASN A 39 -7.84 18.14 -10.47
CA ASN A 39 -8.98 19.05 -10.59
C ASN A 39 -10.19 18.19 -10.93
N PHE A 40 -11.15 18.14 -10.03
CA PHE A 40 -12.29 17.24 -10.14
C PHE A 40 -13.36 17.83 -11.08
N ASP A 41 -13.28 19.14 -11.30
CA ASP A 41 -14.22 19.82 -12.22
C ASP A 41 -13.96 19.46 -13.67
N ASP A 42 -12.70 19.38 -14.07
CA ASP A 42 -12.37 19.06 -15.44
C ASP A 42 -11.54 17.78 -15.59
N TYR A 43 -11.44 16.99 -14.52
CA TYR A 43 -10.71 15.70 -14.58
C TYR A 43 -9.31 15.77 -15.13
N THR A 44 -8.58 16.76 -14.70
CA THR A 44 -7.24 16.89 -15.11
C THR A 44 -6.43 16.47 -13.90
N VAL A 45 -5.30 15.82 -14.16
CA VAL A 45 -4.29 15.68 -13.12
C VAL A 45 -2.97 16.14 -13.66
N ASN A 46 -2.28 16.92 -12.85
CA ASN A 46 -0.99 17.45 -13.20
C ASN A 46 -0.05 17.35 -12.02
N LEU A 47 1.02 16.59 -12.22
CA LEU A 47 2.09 16.53 -11.27
C LEU A 47 3.18 17.36 -11.90
N GLY A 48 3.30 18.60 -11.46
CA GLY A 48 4.23 19.56 -12.04
C GLY A 48 5.67 19.07 -12.08
N GLY A 49 6.09 18.37 -11.03
CA GLY A 49 7.43 17.76 -11.00
C GLY A 49 7.71 16.83 -12.18
N LEU A 50 6.64 16.32 -12.81
CA LEU A 50 6.75 15.41 -13.96
C LEU A 50 6.24 16.03 -15.28
N LYS A 51 5.99 17.35 -15.27
CA LYS A 51 5.32 18.00 -16.41
C LYS A 51 6.22 17.90 -17.63
N ASP A 52 7.44 18.37 -17.47
CA ASP A 52 8.42 18.29 -18.53
C ASP A 52 8.57 16.83 -18.99
N HIS A 53 9.12 15.99 -18.12
CA HIS A 53 9.50 14.61 -18.47
C HIS A 53 8.40 13.63 -18.91
N ILE A 54 7.12 13.98 -18.85
CA ILE A 54 6.06 12.99 -19.14
C ILE A 54 6.07 12.40 -20.54
N LYS A 55 6.25 13.22 -21.56
CA LYS A 55 6.25 12.68 -22.93
C LYS A 55 7.36 11.64 -23.08
N GLU A 56 8.52 11.95 -22.49
CA GLU A 56 9.69 11.06 -22.49
C GLU A 56 9.37 9.71 -21.85
N ILE A 57 8.66 9.73 -20.73
CA ILE A 57 8.24 8.50 -20.03
C ILE A 57 7.34 7.65 -20.91
N GLN A 58 6.45 8.31 -21.66
CA GLN A 58 5.54 7.57 -22.52
C GLN A 58 6.32 6.89 -23.65
N ARG A 59 7.45 7.48 -24.04
CA ARG A 59 8.34 6.86 -25.03
C ARG A 59 9.18 5.71 -24.47
N CYS A 60 9.30 5.62 -23.15
CA CYS A 60 10.05 4.49 -22.54
C CYS A 60 9.27 3.18 -22.69
N ARG A 61 9.98 2.08 -22.49
CA ARG A 61 9.51 0.74 -22.78
C ARG A 61 9.05 -0.10 -21.57
N ARG A 62 9.43 0.32 -20.38
CA ARG A 62 9.21 -0.52 -19.21
C ARG A 62 9.26 0.40 -18.04
N LEU A 63 8.45 0.15 -17.01
CA LEU A 63 8.53 0.88 -15.74
C LEU A 63 9.06 -0.09 -14.71
N ILE A 64 10.06 0.33 -13.97
CA ILE A 64 10.60 -0.45 -12.87
C ILE A 64 10.45 0.35 -11.60
N LEU A 65 9.77 -0.23 -10.61
CA LEU A 65 9.56 0.43 -9.32
C LEU A 65 10.53 -0.23 -8.34
N ILE A 66 11.38 0.56 -7.68
CA ILE A 66 12.43 0.06 -6.82
C ILE A 66 12.29 0.66 -5.43
N ALA A 67 12.22 -0.18 -4.39
CA ALA A 67 11.95 0.29 -3.07
C ALA A 67 12.20 -0.80 -1.99
N CYS A 68 12.12 -0.36 -0.74
CA CYS A 68 12.22 -1.23 0.43
C CYS A 68 11.00 -1.10 1.28
N GLY A 69 10.77 -2.11 2.09
CA GLY A 69 9.77 -2.04 3.14
C GLY A 69 8.38 -1.69 2.66
N THR A 70 7.74 -0.78 3.36
CA THR A 70 6.35 -0.36 3.06
C THR A 70 6.30 0.35 1.71
N SER A 71 7.38 1.04 1.35
CA SER A 71 7.41 1.71 0.03
C SER A 71 7.30 0.70 -1.10
N TYR A 72 7.97 -0.44 -0.94
CA TYR A 72 7.85 -1.55 -1.89
C TYR A 72 6.42 -2.03 -1.97
N HIS A 73 5.73 -2.15 -0.83
CA HIS A 73 4.31 -2.54 -0.89
C HIS A 73 3.43 -1.58 -1.68
N ALA A 74 3.74 -0.29 -1.64
CA ALA A 74 2.94 0.73 -2.38
C ALA A 74 3.09 0.47 -3.89
N GLY A 75 4.25 -0.03 -4.28
CA GLY A 75 4.51 -0.43 -5.69
C GLY A 75 3.70 -1.65 -6.05
N VAL A 76 3.70 -2.65 -5.18
CA VAL A 76 2.90 -3.84 -5.40
C VAL A 76 1.39 -3.49 -5.45
N ALA A 77 0.98 -2.49 -4.68
CA ALA A 77 -0.42 -2.06 -4.60
C ALA A 77 -0.91 -1.33 -5.85
N THR A 78 0.02 -0.79 -6.62
CA THR A 78 -0.31 0.01 -7.81
C THR A 78 0.18 -0.60 -9.10
N ARG A 79 0.83 -1.78 -9.03
CA ARG A 79 1.37 -2.45 -10.24
C ARG A 79 0.26 -2.68 -11.28
N GLN A 80 -0.87 -3.24 -10.87
CA GLN A 80 -1.91 -3.60 -11.80
C GLN A 80 -2.50 -2.38 -12.50
N VAL A 81 -2.79 -1.33 -11.74
CA VAL A 81 -3.38 -0.13 -12.38
C VAL A 81 -2.36 0.55 -13.27
N LEU A 82 -1.08 0.51 -12.88
CA LEU A 82 -0.05 1.02 -13.75
C LEU A 82 0.06 0.22 -15.05
N GLU A 83 0.05 -1.12 -14.94
CA GLU A 83 -0.02 -1.96 -16.15
C GLU A 83 -1.24 -1.61 -16.99
N GLU A 84 -2.40 -1.50 -16.34
CA GLU A 84 -3.64 -1.25 -17.05
C GLU A 84 -3.62 0.05 -17.82
N LEU A 85 -3.20 1.14 -17.19
CA LEU A 85 -3.36 2.47 -17.71
C LEU A 85 -2.17 2.91 -18.57
N THR A 86 -0.98 2.38 -18.25
CA THR A 86 0.19 2.68 -19.09
C THR A 86 0.28 1.67 -20.26
N GLU A 87 -0.27 0.48 -20.08
CA GLU A 87 -0.08 -0.65 -21.00
C GLU A 87 1.37 -1.11 -21.18
N LEU A 88 2.23 -0.67 -20.27
CA LEU A 88 3.65 -0.96 -20.24
C LEU A 88 3.88 -2.12 -19.27
N PRO A 89 4.94 -2.89 -19.50
CA PRO A 89 5.33 -3.81 -18.47
C PRO A 89 5.79 -3.02 -17.24
N VAL A 90 5.42 -3.50 -16.07
CA VAL A 90 5.82 -2.91 -14.78
C VAL A 90 6.45 -3.99 -13.93
N MET A 91 7.67 -3.72 -13.45
CA MET A 91 8.43 -4.65 -12.63
C MET A 91 8.55 -3.95 -11.31
N VAL A 92 8.34 -4.68 -10.21
CA VAL A 92 8.49 -4.11 -8.88
C VAL A 92 9.59 -4.93 -8.19
N GLU A 93 10.56 -4.23 -7.63
CA GLU A 93 11.77 -4.86 -7.12
C GLU A 93 12.10 -4.38 -5.73
N LEU A 94 12.42 -5.30 -4.83
CA LEU A 94 13.08 -4.95 -3.58
C LEU A 94 14.48 -4.50 -3.90
N ALA A 95 14.84 -3.34 -3.38
CA ALA A 95 16.06 -2.70 -3.78
C ALA A 95 17.32 -3.56 -3.50
N SER A 96 17.37 -4.25 -2.37
CA SER A 96 18.55 -5.01 -2.01
C SER A 96 18.73 -6.16 -3.02
N ASP A 97 17.64 -6.80 -3.44
CA ASP A 97 17.72 -7.92 -4.40
C ASP A 97 18.02 -7.41 -5.79
N PHE A 98 17.39 -6.32 -6.17
CA PHE A 98 17.68 -5.64 -7.44
C PHE A 98 19.20 -5.44 -7.64
N LEU A 99 19.85 -4.93 -6.61
CA LEU A 99 21.29 -4.73 -6.62
C LEU A 99 22.05 -6.05 -6.62
N ASP A 100 21.71 -6.96 -5.73
CA ASP A 100 22.46 -8.25 -5.70
C ASP A 100 22.49 -8.95 -7.07
N ARG A 101 21.41 -8.88 -7.84
CA ARG A 101 21.30 -9.60 -9.13
C ARG A 101 21.93 -8.89 -10.31
N ASN A 102 22.43 -7.67 -10.12
CA ASN A 102 22.90 -6.87 -11.26
C ASN A 102 21.84 -6.85 -12.36
N THR A 103 20.63 -6.54 -11.94
CA THR A 103 19.47 -6.52 -12.79
C THR A 103 19.77 -5.71 -14.06
N PRO A 104 19.42 -6.26 -15.23
CA PRO A 104 19.55 -5.55 -16.50
C PRO A 104 18.67 -4.31 -16.50
N VAL A 105 19.29 -3.14 -16.69
CA VAL A 105 18.54 -1.89 -16.92
C VAL A 105 19.01 -1.25 -18.23
N PHE A 106 18.09 -0.64 -18.95
CA PHE A 106 18.37 -0.12 -20.30
C PHE A 106 18.07 1.36 -20.43
N ARG A 107 18.52 1.96 -21.52
CA ARG A 107 18.42 3.39 -21.71
C ARG A 107 17.00 3.88 -21.79
N ASP A 108 16.09 3.01 -22.17
CA ASP A 108 14.68 3.35 -22.37
C ASP A 108 13.76 2.70 -21.32
N ASP A 109 14.39 2.36 -20.20
CA ASP A 109 13.67 2.06 -18.95
C ASP A 109 13.40 3.34 -18.20
N VAL A 110 12.25 3.42 -17.52
CA VAL A 110 12.02 4.46 -16.52
C VAL A 110 11.95 3.81 -15.16
N CYS A 111 12.82 4.26 -14.24
CA CYS A 111 12.92 3.68 -12.93
C CYS A 111 12.37 4.64 -11.88
N PHE A 112 11.46 4.13 -11.05
CA PHE A 112 10.87 4.89 -9.99
C PHE A 112 11.46 4.42 -8.68
N PHE A 113 11.81 5.38 -7.83
CA PHE A 113 12.35 5.11 -6.52
C PHE A 113 11.37 5.60 -5.50
N LEU A 114 10.76 4.66 -4.79
CA LEU A 114 9.71 4.99 -3.82
C LEU A 114 10.37 5.02 -2.45
N SER A 115 10.32 6.15 -1.76
CA SER A 115 10.98 6.26 -0.45
C SER A 115 10.39 7.36 0.43
N GLN A 116 9.83 7.01 1.59
CA GLN A 116 9.34 8.01 2.52
C GLN A 116 10.47 8.97 2.90
N SER A 117 11.60 8.43 3.34
CA SER A 117 12.73 9.21 3.85
C SER A 117 13.58 9.85 2.75
N GLY A 118 13.62 9.23 1.59
CA GLY A 118 14.54 9.59 0.51
C GLY A 118 16.00 9.33 0.80
N GLU A 119 16.32 8.58 1.85
CA GLU A 119 17.73 8.30 2.27
C GLU A 119 18.09 6.81 2.44
N THR A 120 17.15 5.90 2.17
CA THR A 120 17.39 4.46 2.39
C THR A 120 18.54 4.03 1.52
N ALA A 121 19.56 3.41 2.12
CA ALA A 121 20.80 3.10 1.42
C ALA A 121 20.60 2.27 0.18
N ASP A 122 19.82 1.20 0.28
CA ASP A 122 19.61 0.30 -0.87
C ASP A 122 18.84 0.95 -1.99
N THR A 123 17.80 1.72 -1.66
CA THR A 123 17.06 2.46 -2.66
C THR A 123 17.94 3.50 -3.35
N LEU A 124 18.74 4.23 -2.59
CA LEU A 124 19.61 5.28 -3.12
C LEU A 124 20.70 4.65 -4.01
N MET A 125 21.31 3.57 -3.57
CA MET A 125 22.27 2.85 -4.43
C MET A 125 21.62 2.25 -5.69
N GLY A 126 20.36 1.83 -5.60
CA GLY A 126 19.63 1.40 -6.80
C GLY A 126 19.47 2.55 -7.79
N LEU A 127 19.13 3.73 -7.27
CA LEU A 127 19.02 4.94 -8.06
C LEU A 127 20.33 5.19 -8.82
N ARG A 128 21.43 5.17 -8.09
CA ARG A 128 22.75 5.44 -8.69
C ARG A 128 23.12 4.42 -9.75
N TYR A 129 22.78 3.16 -9.50
CA TYR A 129 22.94 2.09 -10.51
C TYR A 129 22.16 2.33 -11.78
N CYS A 130 20.90 2.74 -11.66
CA CYS A 130 20.10 3.01 -12.83
C CYS A 130 20.62 4.22 -13.59
N LYS A 131 21.07 5.25 -12.85
CA LYS A 131 21.56 6.50 -13.48
C LYS A 131 22.78 6.20 -14.34
N GLU A 132 23.68 5.40 -13.80
CA GLU A 132 24.86 4.92 -14.53
C GLU A 132 24.55 4.22 -15.83
N ARG A 133 23.36 3.63 -15.91
CA ARG A 133 22.94 2.91 -17.11
C ARG A 133 22.07 3.74 -18.05
N GLY A 134 21.95 5.03 -17.77
CA GLY A 134 21.21 5.95 -18.65
C GLY A 134 19.70 5.86 -18.58
N ALA A 135 19.14 5.26 -17.51
CA ALA A 135 17.68 5.17 -17.38
C ALA A 135 17.16 6.50 -16.89
N LEU A 136 15.92 6.84 -17.25
CA LEU A 136 15.24 8.04 -16.74
C LEU A 136 14.82 7.66 -15.32
N THR A 137 15.15 8.49 -14.33
CA THR A 137 14.86 8.17 -12.93
C THR A 137 13.84 9.13 -12.34
N VAL A 138 12.92 8.58 -11.55
CA VAL A 138 11.83 9.34 -10.93
C VAL A 138 11.74 9.05 -9.43
N GLY A 139 11.74 10.07 -8.60
CA GLY A 139 11.66 9.90 -7.16
C GLY A 139 10.24 10.15 -6.68
N ILE A 140 9.73 9.23 -5.85
CA ILE A 140 8.43 9.41 -5.22
C ILE A 140 8.75 9.39 -3.71
N THR A 141 8.87 10.56 -3.07
CA THR A 141 9.31 10.62 -1.67
C THR A 141 8.48 11.56 -0.82
N ASN A 142 8.66 11.48 0.49
CA ASN A 142 7.98 12.37 1.43
C ASN A 142 8.91 13.36 2.08
N THR A 143 10.12 13.49 1.55
CA THR A 143 11.15 14.32 2.19
C THR A 143 11.83 15.23 1.18
N VAL A 144 11.47 16.51 1.23
CA VAL A 144 12.07 17.45 0.32
C VAL A 144 13.53 17.59 0.70
N GLY A 145 14.38 17.69 -0.31
CA GLY A 145 15.77 17.85 -0.09
C GLY A 145 16.54 16.56 0.16
N SER A 146 15.85 15.44 0.22
CA SER A 146 16.51 14.14 0.46
C SER A 146 17.37 13.70 -0.73
N SER A 147 18.34 12.84 -0.49
CA SER A 147 19.21 12.34 -1.56
C SER A 147 18.42 11.84 -2.77
N ILE A 148 17.41 11.03 -2.54
CA ILE A 148 16.62 10.46 -3.65
C ILE A 148 15.81 11.54 -4.37
N SER A 149 15.28 12.50 -3.62
CA SER A 149 14.61 13.64 -4.21
C SER A 149 15.56 14.50 -5.07
N ARG A 150 16.78 14.70 -4.58
CA ARG A 150 17.78 15.54 -5.26
C ARG A 150 18.44 14.86 -6.46
N GLU A 151 18.63 13.55 -6.39
CA GLU A 151 19.40 12.84 -7.41
C GLU A 151 18.63 12.21 -8.56
N THR A 152 17.31 12.13 -8.42
CA THR A 152 16.47 11.73 -9.54
C THR A 152 16.32 12.82 -10.60
N ASP A 153 15.94 12.41 -11.80
CA ASP A 153 15.78 13.35 -12.93
C ASP A 153 14.53 14.20 -12.72
N CYS A 154 13.51 13.59 -12.14
CA CYS A 154 12.31 14.34 -11.75
C CYS A 154 11.68 13.57 -10.60
N GLY A 155 10.58 14.08 -10.05
CA GLY A 155 9.90 13.39 -8.96
C GLY A 155 8.63 14.04 -8.52
N VAL A 156 8.03 13.42 -7.52
CA VAL A 156 6.79 13.87 -6.90
C VAL A 156 7.08 13.85 -5.38
N HIS A 157 6.87 14.98 -4.69
CA HIS A 157 6.80 14.98 -3.22
C HIS A 157 5.38 14.61 -2.86
N ILE A 158 5.20 13.53 -2.10
CA ILE A 158 3.87 13.03 -1.88
C ILE A 158 3.06 13.94 -0.95
N ASN A 159 3.73 14.86 -0.26
CA ASN A 159 3.08 15.86 0.56
C ASN A 159 2.21 15.31 1.70
N ALA A 160 2.64 14.19 2.27
CA ALA A 160 1.88 13.61 3.38
C ALA A 160 2.12 14.37 4.70
N GLY A 161 3.19 15.15 4.74
CA GLY A 161 3.62 15.82 5.98
C GLY A 161 4.50 14.91 6.83
N PRO A 162 5.11 15.45 7.90
CA PRO A 162 6.07 14.66 8.68
C PRO A 162 5.46 13.42 9.26
N GLU A 163 6.18 12.30 9.14
CA GLU A 163 5.71 11.04 9.69
C GLU A 163 6.78 10.57 10.65
N ILE A 164 6.40 10.40 11.91
CA ILE A 164 7.34 10.12 12.98
C ILE A 164 7.32 8.64 13.38
N GLY A 165 6.14 8.02 13.30
CA GLY A 165 6.01 6.63 13.57
C GLY A 165 6.96 5.81 12.69
N VAL A 166 7.71 4.91 13.31
CA VAL A 166 8.67 4.07 12.56
C VAL A 166 7.94 3.15 11.62
N ALA A 167 6.74 2.70 12.02
CA ALA A 167 5.85 1.94 11.14
C ALA A 167 4.99 2.93 10.32
N SER A 168 5.24 2.98 9.01
CA SER A 168 4.67 3.98 8.10
C SER A 168 3.23 3.72 7.77
N THR A 169 2.40 4.75 7.82
CA THR A 169 0.96 4.59 7.70
C THR A 169 0.54 5.59 6.59
N LYS A 170 0.46 6.87 6.93
CA LYS A 170 0.01 7.87 5.95
C LYS A 170 0.88 7.95 4.72
N ALA A 171 2.19 7.70 4.88
CA ALA A 171 3.05 7.73 3.73
C ALA A 171 2.77 6.61 2.77
N TYR A 172 2.35 5.44 3.25
CA TYR A 172 1.93 4.33 2.36
C TYR A 172 0.75 4.74 1.52
N THR A 173 -0.27 5.30 2.15
CA THR A 173 -1.46 5.64 1.37
C THR A 173 -1.20 6.86 0.46
N SER A 174 -0.30 7.78 0.85
CA SER A 174 0.07 8.91 0.02
C SER A 174 0.94 8.47 -1.18
N GLN A 175 1.80 7.48 -0.98
CA GLN A 175 2.55 6.89 -2.10
C GLN A 175 1.62 6.22 -3.07
N PHE A 176 0.66 5.50 -2.54
CA PHE A 176 -0.35 4.76 -3.32
C PHE A 176 -1.04 5.82 -4.18
N VAL A 177 -1.57 6.87 -3.58
CA VAL A 177 -2.31 7.88 -4.34
C VAL A 177 -1.43 8.56 -5.39
N SER A 178 -0.16 8.83 -5.06
CA SER A 178 0.74 9.46 -5.98
C SER A 178 0.97 8.62 -7.24
N LEU A 179 1.11 7.31 -7.07
CA LEU A 179 1.36 6.44 -8.22
C LEU A 179 0.07 6.32 -9.05
N VAL A 180 -1.09 6.37 -8.41
CA VAL A 180 -2.35 6.35 -9.15
C VAL A 180 -2.48 7.65 -9.96
N MET A 181 -2.10 8.79 -9.40
CA MET A 181 -2.16 10.06 -10.14
C MET A 181 -1.21 10.03 -11.35
N PHE A 182 -0.01 9.48 -11.16
CA PHE A 182 0.92 9.24 -12.27
C PHE A 182 0.27 8.42 -13.39
N ALA A 183 -0.31 7.28 -13.03
CA ALA A 183 -1.04 6.43 -13.95
C ALA A 183 -2.11 7.19 -14.72
N LEU A 184 -2.86 8.02 -14.00
CA LEU A 184 -3.90 8.87 -14.63
C LEU A 184 -3.32 9.87 -15.64
N MET A 185 -2.14 10.40 -15.37
CA MET A 185 -1.50 11.31 -16.30
C MET A 185 -1.09 10.54 -17.53
N MET A 186 -0.59 9.33 -17.33
CA MET A 186 -0.04 8.54 -18.45
C MET A 186 -1.08 8.20 -19.50
N CYS A 187 -2.34 8.07 -19.12
CA CYS A 187 -3.38 7.64 -20.04
C CYS A 187 -4.33 8.76 -20.45
N ASP A 188 -3.90 9.99 -20.27
CA ASP A 188 -4.83 11.08 -20.41
C ASP A 188 -5.10 11.51 -21.86
N ASP A 189 -4.42 10.89 -22.83
CA ASP A 189 -4.68 11.18 -24.26
C ASP A 189 -5.50 10.10 -24.93
N ARG A 190 -5.90 9.08 -24.18
CA ARG A 190 -6.63 7.97 -24.75
C ARG A 190 -8.15 8.08 -24.58
N ILE A 191 -8.85 8.22 -25.71
CA ILE A 191 -10.30 8.33 -25.71
C ILE A 191 -10.94 7.15 -25.00
N SER A 192 -10.42 5.96 -25.26
CA SER A 192 -10.96 4.73 -24.75
C SER A 192 -10.85 4.57 -23.22
N MET A 193 -9.93 5.31 -22.60
CA MET A 193 -9.70 5.24 -21.15
C MET A 193 -10.37 6.39 -20.37
N GLN A 194 -11.10 7.29 -21.04
CA GLN A 194 -11.64 8.45 -20.35
C GLN A 194 -12.67 8.05 -19.28
N GLU A 195 -13.55 7.09 -19.54
CA GLU A 195 -14.52 6.68 -18.54
C GLU A 195 -13.82 6.00 -17.34
N ARG A 196 -12.77 5.23 -17.60
CA ARG A 196 -12.01 4.61 -16.51
C ARG A 196 -11.35 5.68 -15.65
N ARG A 197 -10.76 6.70 -16.27
CA ARG A 197 -10.07 7.78 -15.55
C ARG A 197 -11.08 8.56 -14.69
N LYS A 198 -12.25 8.81 -15.24
CA LYS A 198 -13.28 9.54 -14.51
C LYS A 198 -13.77 8.68 -13.33
N GLU A 199 -13.96 7.39 -13.52
CA GLU A 199 -14.30 6.45 -12.41
C GLU A 199 -13.28 6.56 -11.25
N ILE A 200 -12.02 6.49 -11.59
CA ILE A 200 -10.94 6.54 -10.60
C ILE A 200 -10.88 7.91 -9.94
N MET A 201 -11.00 8.98 -10.71
CA MET A 201 -10.96 10.31 -10.11
C MET A 201 -12.18 10.59 -9.20
N LEU A 202 -13.36 10.06 -9.54
CA LEU A 202 -14.54 10.22 -8.67
C LEU A 202 -14.27 9.41 -7.38
N GLY A 203 -13.64 8.26 -7.52
CA GLY A 203 -13.14 7.54 -6.35
C GLY A 203 -12.20 8.31 -5.45
N LEU A 204 -11.19 8.94 -6.02
CA LEU A 204 -10.25 9.77 -5.26
C LEU A 204 -10.95 10.96 -4.55
N LYS A 205 -11.95 11.52 -5.21
CA LYS A 205 -12.74 12.63 -4.62
C LYS A 205 -13.46 12.14 -3.37
N ARG A 206 -14.09 10.96 -3.46
CA ARG A 206 -14.81 10.33 -2.33
C ARG A 206 -13.92 9.71 -1.23
N LEU A 207 -12.65 9.47 -1.54
CA LEU A 207 -11.81 8.66 -0.66
C LEU A 207 -11.66 9.25 0.76
N PRO A 208 -11.39 10.56 0.89
CA PRO A 208 -11.24 11.09 2.24
C PRO A 208 -12.41 10.83 3.19
N ASP A 209 -13.65 11.02 2.72
CA ASP A 209 -14.83 10.71 3.52
C ASP A 209 -14.91 9.23 3.83
N LEU A 210 -14.51 8.36 2.89
CA LEU A 210 -14.56 6.94 3.16
C LEU A 210 -13.51 6.50 4.18
N ILE A 211 -12.34 7.13 4.16
CA ILE A 211 -11.31 6.93 5.20
C ILE A 211 -11.87 7.32 6.58
N LYS A 212 -12.59 8.43 6.67
CA LYS A 212 -13.22 8.80 7.96
C LYS A 212 -14.13 7.69 8.41
N GLU A 213 -14.90 7.10 7.49
CA GLU A 213 -15.82 6.06 7.82
C GLU A 213 -15.09 4.81 8.34
N VAL A 214 -13.96 4.48 7.72
CA VAL A 214 -13.16 3.35 8.26
C VAL A 214 -12.62 3.62 9.64
N LEU A 215 -12.16 4.84 9.89
CA LEU A 215 -11.59 5.20 11.20
C LEU A 215 -12.63 5.14 12.33
N SER A 216 -13.91 5.27 11.96
CA SER A 216 -15.00 5.20 12.93
C SER A 216 -15.19 3.78 13.46
N MET A 217 -14.59 2.78 12.81
CA MET A 217 -14.68 1.42 13.34
C MET A 217 -13.48 1.03 14.22
N ASP A 218 -12.73 2.01 14.68
CA ASP A 218 -11.60 1.84 15.60
C ASP A 218 -11.97 0.95 16.80
N ASP A 219 -13.12 1.20 17.43
CA ASP A 219 -13.55 0.38 18.58
C ASP A 219 -13.74 -1.10 18.26
N GLU A 220 -14.34 -1.40 17.10
CA GLU A 220 -14.45 -2.77 16.62
C GLU A 220 -13.08 -3.47 16.38
N ILE A 221 -12.12 -2.69 15.93
CA ILE A 221 -10.80 -3.22 15.64
C ILE A 221 -10.12 -3.48 16.98
N GLN A 222 -10.31 -2.56 17.93
CA GLN A 222 -9.73 -2.73 19.26
C GLN A 222 -10.23 -4.05 19.88
N LYS A 223 -11.49 -4.41 19.60
CA LYS A 223 -12.07 -5.64 20.13
C LYS A 223 -11.48 -6.87 19.46
N LEU A 224 -11.25 -6.80 18.16
CA LEU A 224 -10.52 -7.84 17.47
C LEU A 224 -9.10 -7.96 18.04
N ALA A 225 -8.47 -6.87 18.42
CA ALA A 225 -7.10 -6.94 18.92
C ALA A 225 -7.12 -7.67 20.27
N THR A 226 -8.17 -7.43 21.06
CA THR A 226 -8.31 -8.20 22.31
C THR A 226 -8.48 -9.70 22.05
N GLU A 227 -9.12 -10.09 20.97
CA GLU A 227 -9.22 -11.50 20.63
C GLU A 227 -7.89 -12.10 20.17
N LEU A 228 -6.95 -11.28 19.70
CA LEU A 228 -5.74 -11.79 19.01
C LEU A 228 -4.47 -11.66 19.82
N TYR A 229 -4.48 -10.86 20.87
CA TYR A 229 -3.19 -10.46 21.38
C TYR A 229 -2.42 -11.53 22.16
N HIS A 230 -3.03 -12.68 22.46
CA HIS A 230 -2.26 -13.80 23.04
C HIS A 230 -1.66 -14.68 21.95
N GLN A 231 -2.04 -14.46 20.70
CA GLN A 231 -1.64 -15.34 19.61
C GLN A 231 -0.17 -15.13 19.25
N LYS A 232 0.46 -16.16 18.71
CA LYS A 232 1.84 -16.10 18.33
C LYS A 232 2.01 -15.89 16.81
N SER A 233 1.01 -16.30 16.04
CA SER A 233 1.00 -16.17 14.55
C SER A 233 -0.34 -15.66 14.02
N VAL A 234 -0.31 -15.13 12.80
CA VAL A 234 -1.53 -14.88 12.08
C VAL A 234 -1.20 -14.88 10.59
N LEU A 235 -2.02 -15.53 9.80
CA LEU A 235 -1.85 -15.55 8.36
C LEU A 235 -2.86 -14.56 7.78
N ILE A 236 -2.37 -13.65 6.93
CA ILE A 236 -3.21 -12.63 6.28
C ILE A 236 -3.18 -12.89 4.79
N MET A 237 -4.36 -13.16 4.24
CA MET A 237 -4.44 -13.69 2.92
C MET A 237 -5.18 -12.69 2.01
N GLY A 238 -4.65 -12.46 0.82
CA GLY A 238 -5.38 -11.67 -0.18
C GLY A 238 -4.77 -11.89 -1.56
N ARG A 239 -5.51 -11.48 -2.57
CA ARG A 239 -4.96 -11.59 -3.90
C ARG A 239 -5.27 -10.39 -4.77
N GLY A 240 -4.60 -10.33 -5.92
CA GLY A 240 -4.92 -9.24 -6.87
C GLY A 240 -4.61 -7.90 -6.21
N TYR A 241 -5.50 -6.92 -6.36
CA TYR A 241 -5.28 -5.65 -5.73
C TYR A 241 -4.99 -5.73 -4.22
N HIS A 242 -5.52 -6.75 -3.55
CA HIS A 242 -5.34 -6.87 -2.10
C HIS A 242 -4.15 -7.68 -1.66
N TYR A 243 -3.36 -8.09 -2.63
CA TYR A 243 -2.13 -8.76 -2.25
C TYR A 243 -1.26 -7.80 -1.51
N ALA A 244 -1.04 -6.60 -2.02
CA ALA A 244 -0.22 -5.62 -1.27
C ALA A 244 -0.76 -5.35 0.15
N THR A 245 -2.09 -5.33 0.29
CA THR A 245 -2.77 -5.04 1.56
C THR A 245 -2.40 -6.09 2.61
N CYS A 246 -2.34 -7.35 2.22
CA CYS A 246 -1.95 -8.46 3.11
C CYS A 246 -0.48 -8.41 3.47
N LEU A 247 0.39 -8.02 2.52
CA LEU A 247 1.81 -7.89 2.80
C LEU A 247 2.10 -6.78 3.75
N GLU A 248 1.44 -5.66 3.55
CA GLU A 248 1.66 -4.47 4.37
C GLU A 248 1.01 -4.66 5.73
N GLY A 249 -0.13 -5.29 5.79
CA GLY A 249 -0.72 -5.60 7.09
C GLY A 249 0.14 -6.57 7.91
N ALA A 250 0.69 -7.59 7.24
CA ALA A 250 1.62 -8.51 7.88
C ALA A 250 2.87 -7.83 8.36
N LEU A 251 3.42 -6.96 7.53
CA LEU A 251 4.56 -6.16 7.95
C LEU A 251 4.21 -5.32 9.16
N LYS A 252 3.07 -4.64 9.13
CA LYS A 252 2.70 -3.80 10.29
C LYS A 252 2.63 -4.53 11.64
N ILE A 253 2.04 -5.72 11.62
CA ILE A 253 1.89 -6.56 12.82
C ILE A 253 3.29 -7.04 13.26
N LYS A 254 4.15 -7.44 12.31
CA LYS A 254 5.54 -7.75 12.70
C LYS A 254 6.19 -6.54 13.34
N GLU A 255 6.09 -5.39 12.68
CA GLU A 255 6.87 -4.22 13.09
C GLU A 255 6.69 -3.83 14.57
N ILE A 256 5.44 -3.76 15.02
CA ILE A 256 5.14 -3.15 16.33
C ILE A 256 4.54 -4.08 17.35
N THR A 257 4.06 -5.26 16.94
CA THR A 257 3.52 -6.23 17.86
C THR A 257 4.48 -7.41 18.12
N TYR A 258 5.38 -7.66 17.16
CA TYR A 258 6.32 -8.78 17.19
C TYR A 258 5.70 -10.16 17.09
N MET A 259 4.41 -10.23 16.78
CA MET A 259 3.72 -11.46 16.44
C MET A 259 4.19 -11.91 15.07
N HIS A 260 4.11 -13.19 14.81
CA HIS A 260 4.60 -13.73 13.54
C HIS A 260 3.45 -13.73 12.54
N SER A 261 3.22 -12.57 11.95
CA SER A 261 2.24 -12.38 10.92
C SER A 261 2.94 -12.59 9.59
N GLU A 262 2.25 -13.30 8.68
CA GLU A 262 2.75 -13.55 7.34
C GLU A 262 1.66 -13.26 6.29
N GLY A 263 2.01 -12.47 5.29
CA GLY A 263 1.12 -12.27 4.13
C GLY A 263 1.23 -13.43 3.16
N ILE A 264 0.09 -13.98 2.81
CA ILE A 264 -0.02 -15.14 1.93
C ILE A 264 -0.84 -14.76 0.71
N LEU A 265 -0.23 -14.86 -0.47
CA LEU A 265 -0.97 -14.70 -1.71
C LEU A 265 -2.07 -15.74 -1.80
N ALA A 266 -3.31 -15.31 -1.91
CA ALA A 266 -4.44 -16.22 -1.72
C ALA A 266 -4.48 -17.33 -2.74
N GLY A 267 -4.08 -17.08 -3.97
CA GLY A 267 -3.99 -18.15 -4.96
C GLY A 267 -2.91 -19.19 -4.71
N GLU A 268 -1.96 -18.88 -3.82
CA GLU A 268 -0.90 -19.83 -3.43
C GLU A 268 -1.24 -20.59 -2.17
N LEU A 269 -2.33 -20.20 -1.50
CA LEU A 269 -2.79 -20.89 -0.30
C LEU A 269 -2.76 -22.41 -0.45
N LYS A 270 -3.38 -22.88 -1.53
CA LYS A 270 -3.51 -24.30 -1.73
C LYS A 270 -2.20 -25.01 -2.00
N HIS A 271 -1.11 -24.24 -2.19
CA HIS A 271 0.16 -24.84 -2.57
C HIS A 271 1.09 -25.01 -1.40
N GLY A 272 0.62 -24.75 -0.19
CA GLY A 272 1.45 -25.01 0.97
C GLY A 272 0.92 -24.47 2.27
N PRO A 273 0.72 -23.14 2.33
CA PRO A 273 0.18 -22.50 3.53
C PRO A 273 -1.11 -23.10 4.09
N LEU A 274 -1.93 -23.74 3.27
CA LEU A 274 -3.16 -24.34 3.77
C LEU A 274 -2.84 -25.43 4.77
N ALA A 275 -1.67 -26.07 4.69
CA ALA A 275 -1.33 -27.08 5.71
C ALA A 275 -1.17 -26.48 7.13
N LEU A 276 -0.96 -25.16 7.23
CA LEU A 276 -0.90 -24.48 8.52
C LEU A 276 -2.30 -24.19 9.09
N VAL A 277 -3.33 -24.30 8.25
CA VAL A 277 -4.68 -23.91 8.70
C VAL A 277 -5.32 -25.05 9.50
N ASP A 278 -5.73 -24.72 10.71
CA ASP A 278 -6.62 -25.56 11.50
C ASP A 278 -7.40 -24.63 12.47
N LYS A 279 -8.11 -25.15 13.45
CA LYS A 279 -8.94 -24.25 14.26
C LYS A 279 -8.13 -23.33 15.14
N LEU A 280 -6.84 -23.60 15.35
CA LEU A 280 -6.01 -22.77 16.20
C LEU A 280 -5.14 -21.69 15.53
N MET A 281 -5.00 -21.73 14.21
CA MET A 281 -4.19 -20.72 13.50
C MET A 281 -5.04 -19.51 13.14
N PRO A 282 -4.74 -18.33 13.71
CA PRO A 282 -5.52 -17.17 13.29
C PRO A 282 -5.32 -16.88 11.81
N VAL A 283 -6.41 -16.52 11.13
CA VAL A 283 -6.41 -16.19 9.71
C VAL A 283 -7.25 -14.93 9.46
N ILE A 284 -6.70 -13.99 8.70
CA ILE A 284 -7.46 -12.80 8.28
C ILE A 284 -7.47 -12.94 6.76
N MET A 285 -8.65 -12.88 6.15
CA MET A 285 -8.76 -12.93 4.72
C MET A 285 -9.36 -11.61 4.25
N ILE A 286 -8.80 -11.05 3.18
CA ILE A 286 -9.33 -9.86 2.53
C ILE A 286 -10.03 -10.28 1.27
N ILE A 287 -11.30 -9.90 1.11
CA ILE A 287 -12.08 -10.32 -0.03
C ILE A 287 -12.78 -9.08 -0.54
N MET A 288 -12.43 -8.63 -1.74
CA MET A 288 -13.14 -7.47 -2.31
C MET A 288 -13.95 -7.85 -3.56
N ARG A 289 -14.94 -7.01 -3.88
CA ARG A 289 -15.79 -7.24 -5.02
C ARG A 289 -15.15 -6.59 -6.21
N ASP A 290 -14.09 -7.23 -6.66
CA ASP A 290 -13.47 -6.91 -7.92
C ASP A 290 -13.51 -8.23 -8.66
N HIS A 291 -12.73 -8.38 -9.70
CA HIS A 291 -12.83 -9.58 -10.53
C HIS A 291 -12.23 -10.84 -9.90
N THR A 292 -11.56 -10.73 -8.76
CA THR A 292 -11.06 -11.92 -8.03
C THR A 292 -12.04 -12.53 -7.02
N TYR A 293 -13.25 -11.99 -6.96
CA TYR A 293 -14.17 -12.29 -5.89
C TYR A 293 -14.48 -13.78 -5.75
N ALA A 294 -14.88 -14.46 -6.83
CA ALA A 294 -15.22 -15.88 -6.75
C ALA A 294 -14.05 -16.75 -6.31
N LYS A 295 -12.87 -16.40 -6.78
CA LYS A 295 -11.65 -17.10 -6.36
C LYS A 295 -11.33 -16.87 -4.90
N CYS A 296 -11.56 -15.66 -4.39
CA CYS A 296 -11.41 -15.45 -2.96
C CYS A 296 -12.45 -16.20 -2.14
N GLN A 297 -13.70 -16.24 -2.61
CA GLN A 297 -14.70 -17.03 -1.90
C GLN A 297 -14.26 -18.46 -1.86
N ASN A 298 -13.67 -18.96 -2.94
CA ASN A 298 -13.12 -20.32 -2.93
C ASN A 298 -12.01 -20.49 -1.88
N ALA A 299 -11.11 -19.51 -1.75
CA ALA A 299 -10.08 -19.58 -0.74
C ALA A 299 -10.72 -19.63 0.64
N LEU A 300 -11.80 -18.85 0.86
CA LEU A 300 -12.46 -18.78 2.16
C LEU A 300 -13.04 -20.11 2.50
N GLN A 301 -13.73 -20.70 1.53
CA GLN A 301 -14.35 -22.01 1.66
C GLN A 301 -13.32 -23.09 2.03
N GLN A 302 -12.14 -23.05 1.40
CA GLN A 302 -11.05 -24.00 1.73
C GLN A 302 -10.60 -23.83 3.17
N VAL A 303 -10.35 -22.59 3.58
CA VAL A 303 -9.93 -22.28 4.94
C VAL A 303 -10.95 -22.77 5.96
N VAL A 304 -12.23 -22.52 5.71
CA VAL A 304 -13.33 -22.98 6.60
C VAL A 304 -13.46 -24.52 6.59
N ALA A 305 -13.31 -25.11 5.40
CA ALA A 305 -13.33 -26.58 5.22
C ALA A 305 -12.24 -27.35 5.99
N ARG A 306 -11.11 -26.67 6.21
CA ARG A 306 -10.00 -27.17 7.02
C ARG A 306 -10.07 -26.64 8.44
N GLN A 307 -11.25 -26.20 8.87
CA GLN A 307 -11.53 -25.84 10.26
C GLN A 307 -10.93 -24.52 10.73
N GLY A 308 -10.45 -23.68 9.82
CA GLY A 308 -10.03 -22.36 10.20
C GLY A 308 -11.25 -21.50 10.48
N ARG A 309 -11.02 -20.43 11.24
CA ARG A 309 -12.06 -19.53 11.74
C ARG A 309 -11.66 -18.10 11.42
N PRO A 310 -11.69 -17.76 10.12
CA PRO A 310 -11.05 -16.54 9.71
C PRO A 310 -11.86 -15.32 10.04
N VAL A 311 -11.15 -14.22 10.27
CA VAL A 311 -11.75 -12.90 10.27
C VAL A 311 -11.68 -12.41 8.83
N VAL A 312 -12.80 -11.95 8.27
CA VAL A 312 -12.79 -11.50 6.88
C VAL A 312 -12.95 -9.97 6.76
N ILE A 313 -12.08 -9.34 5.98
CA ILE A 313 -12.18 -7.90 5.66
C ILE A 313 -12.87 -7.84 4.30
N CYS A 314 -14.08 -7.29 4.28
CA CYS A 314 -14.85 -7.26 3.06
C CYS A 314 -15.50 -5.91 2.96
N ASP A 315 -16.12 -5.65 1.82
CA ASP A 315 -16.80 -4.38 1.69
C ASP A 315 -18.21 -4.45 2.28
N LYS A 316 -18.65 -3.32 2.80
CA LYS A 316 -19.96 -3.19 3.45
C LYS A 316 -21.12 -3.64 2.60
N GLU A 317 -20.99 -3.55 1.28
CA GLU A 317 -22.09 -3.89 0.39
C GLU A 317 -21.99 -5.33 -0.13
N ASP A 318 -21.05 -6.12 0.40
CA ASP A 318 -20.85 -7.51 -0.02
C ASP A 318 -21.79 -8.34 0.81
N THR A 319 -23.06 -8.32 0.39
CA THR A 319 -24.13 -8.98 1.12
C THR A 319 -23.84 -10.46 1.35
N GLU A 320 -23.39 -11.18 0.32
CA GLU A 320 -23.24 -12.63 0.49
C GLU A 320 -22.17 -13.06 1.51
N THR A 321 -20.98 -12.44 1.55
CA THR A 321 -20.02 -12.87 2.57
C THR A 321 -20.37 -12.32 3.95
N ILE A 322 -21.08 -11.20 3.99
CA ILE A 322 -21.58 -10.72 5.27
C ILE A 322 -22.63 -11.72 5.79
N LYS A 323 -23.54 -12.13 4.91
CA LYS A 323 -24.60 -13.14 5.23
C LYS A 323 -24.01 -14.45 5.76
N ASN A 324 -22.95 -14.92 5.11
CA ASN A 324 -22.43 -16.29 5.33
C ASN A 324 -21.13 -16.41 6.11
N THR A 325 -20.63 -15.31 6.68
CA THR A 325 -19.37 -15.35 7.43
C THR A 325 -19.57 -14.62 8.73
N LYS A 326 -19.11 -15.21 9.83
CA LYS A 326 -19.44 -14.68 11.15
C LYS A 326 -18.63 -13.47 11.56
N ARG A 327 -17.32 -13.51 11.33
CA ARG A 327 -16.44 -12.40 11.72
C ARG A 327 -16.04 -11.60 10.47
N THR A 328 -16.67 -10.44 10.29
CA THR A 328 -16.34 -9.54 9.19
C THR A 328 -16.00 -8.15 9.68
N ILE A 329 -14.99 -7.55 9.06
CA ILE A 329 -14.60 -6.17 9.28
C ILE A 329 -14.99 -5.49 7.99
N LYS A 330 -16.01 -4.63 8.05
CA LYS A 330 -16.74 -4.18 6.86
C LYS A 330 -16.25 -2.79 6.48
N VAL A 331 -15.54 -2.66 5.36
CA VAL A 331 -15.05 -1.36 4.93
C VAL A 331 -15.88 -0.78 3.77
N PRO A 332 -15.85 0.55 3.59
CA PRO A 332 -16.63 1.11 2.50
C PRO A 332 -16.14 0.64 1.14
N HIS A 333 -17.08 0.54 0.19
CA HIS A 333 -16.77 0.19 -1.17
C HIS A 333 -16.17 1.38 -1.96
N SER A 334 -15.09 1.11 -2.71
CA SER A 334 -14.48 2.11 -3.58
C SER A 334 -14.17 1.43 -4.92
N VAL A 335 -13.51 2.15 -5.80
CA VAL A 335 -13.10 1.55 -7.09
C VAL A 335 -12.00 0.52 -6.83
N ASP A 336 -11.99 -0.52 -7.65
CA ASP A 336 -11.12 -1.67 -7.41
C ASP A 336 -9.67 -1.27 -7.13
N CYS A 337 -9.11 -0.37 -7.92
CA CYS A 337 -7.72 0.06 -7.79
C CYS A 337 -7.45 1.07 -6.67
N LEU A 338 -8.48 1.52 -5.94
CA LEU A 338 -8.31 2.37 -4.75
C LEU A 338 -8.68 1.65 -3.44
N GLN A 339 -9.35 0.53 -3.53
CA GLN A 339 -9.92 -0.16 -2.38
C GLN A 339 -8.85 -0.51 -1.33
N GLY A 340 -7.62 -0.78 -1.78
CA GLY A 340 -6.55 -1.15 -0.83
C GLY A 340 -6.15 -0.03 0.09
N ILE A 341 -6.45 1.22 -0.27
CA ILE A 341 -6.22 2.37 0.60
C ILE A 341 -7.15 2.21 1.81
N LEU A 342 -8.39 1.81 1.57
CA LEU A 342 -9.36 1.59 2.67
C LEU A 342 -9.08 0.33 3.45
N SER A 343 -8.76 -0.76 2.76
CA SER A 343 -8.65 -2.08 3.36
C SER A 343 -7.41 -2.28 4.22
N VAL A 344 -6.37 -1.49 3.97
CA VAL A 344 -5.16 -1.52 4.80
C VAL A 344 -5.40 -0.84 6.17
N ILE A 345 -6.38 0.06 6.25
CA ILE A 345 -6.45 0.89 7.44
C ILE A 345 -6.82 0.09 8.69
N PRO A 346 -7.75 -0.84 8.58
CA PRO A 346 -8.03 -1.70 9.73
C PRO A 346 -6.83 -2.53 10.14
N LEU A 347 -5.93 -2.86 9.21
CA LEU A 347 -4.73 -3.57 9.56
C LEU A 347 -3.72 -2.68 10.26
N GLN A 348 -3.62 -1.42 9.85
CA GLN A 348 -2.78 -0.44 10.54
C GLN A 348 -3.29 -0.29 11.98
N LEU A 349 -4.61 -0.16 12.10
CA LEU A 349 -5.24 0.01 13.44
C LEU A 349 -5.09 -1.25 14.28
N LEU A 350 -5.26 -2.42 13.66
CA LEU A 350 -5.09 -3.72 14.39
C LEU A 350 -3.68 -3.83 14.99
N ALA A 351 -2.66 -3.54 14.17
CA ALA A 351 -1.27 -3.55 14.64
C ALA A 351 -1.11 -2.62 15.82
N PHE A 352 -1.68 -1.41 15.69
CA PHE A 352 -1.61 -0.37 16.72
C PHE A 352 -2.17 -0.88 18.03
N HIS A 353 -3.40 -1.39 17.98
CA HIS A 353 -4.11 -1.83 19.19
C HIS A 353 -3.49 -3.07 19.84
N LEU A 354 -3.03 -4.01 19.03
CA LEU A 354 -2.23 -5.14 19.49
C LEU A 354 -0.97 -4.74 20.22
N ALA A 355 -0.22 -3.79 19.66
CA ALA A 355 0.98 -3.25 20.27
C ALA A 355 0.66 -2.64 21.64
N VAL A 356 -0.41 -1.85 21.68
CA VAL A 356 -0.87 -1.25 22.95
C VAL A 356 -1.24 -2.32 23.97
N LEU A 357 -2.06 -3.29 23.61
CA LEU A 357 -2.38 -4.39 24.52
C LEU A 357 -1.14 -5.12 25.06
N ARG A 358 -0.09 -5.22 24.27
CA ARG A 358 1.11 -5.91 24.69
C ARG A 358 2.11 -5.06 25.44
N GLY A 359 1.84 -3.78 25.60
CA GLY A 359 2.76 -2.90 26.33
C GLY A 359 3.97 -2.45 25.55
N TYR A 360 3.87 -2.48 24.22
CA TYR A 360 5.02 -2.14 23.38
C TYR A 360 4.92 -0.73 22.84
N ASP A 361 6.07 -0.16 22.48
CA ASP A 361 6.12 1.22 22.03
C ASP A 361 5.69 1.23 20.57
N VAL A 362 4.59 1.89 20.28
CA VAL A 362 4.08 1.88 18.91
C VAL A 362 4.87 2.74 17.96
N ASP A 363 5.42 3.85 18.44
CA ASP A 363 6.15 4.78 17.56
C ASP A 363 7.59 4.30 17.35
N PHE A 364 8.19 3.69 18.38
CA PHE A 364 9.62 3.37 18.33
C PHE A 364 9.85 1.92 18.74
N PRO A 365 9.42 1.00 17.86
CA PRO A 365 9.57 -0.42 18.22
C PRO A 365 11.02 -0.87 18.28
N ARG A 366 11.24 -2.05 18.86
CA ARG A 366 12.57 -2.57 19.03
C ARG A 366 13.14 -2.94 17.66
N ASN A 367 14.43 -2.69 17.51
CA ASN A 367 15.24 -3.30 16.42
C ASN A 367 15.05 -2.61 15.07
N LEU A 368 14.23 -1.55 15.02
CA LEU A 368 13.90 -0.89 13.74
C LEU A 368 14.21 0.58 13.77
N ALA A 369 14.38 1.18 12.58
CA ALA A 369 14.70 2.61 12.43
C ALA A 369 13.74 3.24 11.44
N LYS A 370 13.50 4.53 11.55
CA LYS A 370 12.64 5.19 10.57
C LYS A 370 13.26 5.12 9.16
N SER A 371 14.60 5.23 9.11
CA SER A 371 15.33 5.17 7.83
C SER A 371 16.67 4.50 8.07
N VAL A 372 17.01 3.54 7.22
CA VAL A 372 18.26 2.81 7.30
C VAL A 372 19.17 3.34 6.21
N THR A 373 20.08 4.22 6.61
CA THR A 373 20.83 5.03 5.69
C THR A 373 22.22 4.49 5.44
N VAL A 374 22.60 3.46 6.18
CA VAL A 374 23.94 2.88 6.06
C VAL A 374 24.02 1.55 5.31
N GLU A 375 23.45 0.49 5.87
CA GLU A 375 23.93 -0.92 5.61
C GLU A 375 23.90 -1.79 6.89
#